data_1KRU
#
_entry.id   1KRU
#
_cell.length_a   66.100
_cell.length_b   183.800
_cell.length_c   121.800
_cell.angle_alpha   90.00
_cell.angle_beta   90.00
_cell.angle_gamma   90.00
#
_symmetry.space_group_name_H-M   'C 2 2 21'
#
loop_
_entity.id
_entity.type
_entity.pdbx_description
1 polymer 'GALACTOSIDE O-ACETYLTRANSFERASE'
2 non-polymer 'COENZYME A'
3 non-polymer '1-methylethyl 1-thio-beta-D-galactopyranoside'
4 water water
#
_entity_poly.entity_id   1
_entity_poly.type   'polypeptide(L)'
_entity_poly.pdbx_seq_one_letter_code
;MNMPMTERIRAGKLFTDMCEGLPEKRLRGKTLMYEFNHSHPSEVEKRESLIKEMFATVGENAWVEPPVYFSYGSNIHIGR
NFYANFNLTIVDDYTVTIGDNVLIAPNVTLSVTGHPVHHELRKNGEMYSFPITIGNNVWIGSHVVINPGVTIGDNSVIGA
GSIVTKDIPPNVVAAGVPCRVIREINDRDKHYYFKDYKVESSV
;
_entity_poly.pdbx_strand_id   A,B,C
#
# COMPACT_ATOMS: atom_id res chain seq x y z
N ASN A 2 16.31 16.01 27.79
CA ASN A 2 17.22 16.87 26.95
C ASN A 2 16.48 18.16 26.59
N MET A 3 17.17 19.14 26.02
CA MET A 3 16.55 20.44 25.65
C MET A 3 15.13 20.32 25.04
N PRO A 4 14.32 21.41 25.05
CA PRO A 4 12.95 21.35 24.49
C PRO A 4 12.85 20.44 23.28
N MET A 5 11.93 19.49 23.34
CA MET A 5 11.75 18.51 22.28
C MET A 5 11.58 19.10 20.89
N THR A 6 10.80 20.17 20.77
CA THR A 6 10.57 20.78 19.48
C THR A 6 11.85 21.39 18.95
N GLU A 7 12.67 21.87 19.88
CA GLU A 7 13.95 22.47 19.50
C GLU A 7 14.76 21.37 18.83
N ARG A 8 14.75 20.17 19.43
CA ARG A 8 15.48 19.04 18.89
C ARG A 8 14.97 18.64 17.52
N ILE A 9 13.67 18.75 17.29
CA ILE A 9 13.10 18.41 15.99
C ILE A 9 13.70 19.27 14.90
N ARG A 10 13.76 20.57 15.16
CA ARG A 10 14.31 21.54 14.21
C ARG A 10 15.82 21.35 13.96
N ALA A 11 16.51 20.74 14.92
CA ALA A 11 17.95 20.51 14.82
C ALA A 11 18.36 19.18 14.21
N GLY A 12 17.44 18.23 14.14
CA GLY A 12 17.76 16.93 13.57
C GLY A 12 18.26 15.98 14.63
N LYS A 13 17.88 16.23 15.87
CA LYS A 13 18.29 15.39 16.98
C LYS A 13 17.18 14.40 17.27
N LEU A 14 17.52 13.30 17.93
CA LEU A 14 16.52 12.30 18.28
C LEU A 14 15.57 12.95 19.27
N PHE A 15 14.34 12.48 19.33
CA PHE A 15 13.35 13.04 20.23
C PHE A 15 12.16 12.10 20.38
N THR A 16 11.29 12.41 21.33
CA THR A 16 10.08 11.64 21.56
C THR A 16 8.96 12.69 21.55
N ASP A 17 7.79 12.31 21.05
CA ASP A 17 6.70 13.27 20.93
C ASP A 17 5.50 13.13 21.87
N MET A 18 5.75 12.83 23.14
CA MET A 18 4.67 12.70 24.10
C MET A 18 4.69 13.88 25.06
N CYS A 19 4.76 15.09 24.51
CA CYS A 19 4.79 16.29 25.35
C CYS A 19 4.75 17.59 24.55
N GLU A 20 4.78 18.71 25.27
CA GLU A 20 4.77 20.05 24.69
C GLU A 20 3.58 20.28 23.76
N GLY A 21 2.49 19.56 24.02
CA GLY A 21 1.28 19.69 23.23
C GLY A 21 1.25 18.95 21.91
N LEU A 22 2.35 18.29 21.57
CA LEU A 22 2.41 17.56 20.31
C LEU A 22 1.29 16.53 20.24
N PRO A 23 1.07 15.78 21.33
CA PRO A 23 0.00 14.77 21.30
C PRO A 23 -1.38 15.35 21.03
N GLU A 24 -1.60 16.62 21.36
CA GLU A 24 -2.90 17.21 21.10
C GLU A 24 -2.94 17.82 19.70
N LYS A 25 -1.78 18.21 19.18
CA LYS A 25 -1.73 18.78 17.85
C LYS A 25 -2.03 17.64 16.89
N ARG A 26 -1.66 16.42 17.30
CA ARG A 26 -1.92 15.21 16.50
C ARG A 26 -3.38 14.80 16.55
N LEU A 27 -4.04 15.13 17.65
CA LEU A 27 -5.45 14.83 17.83
C LEU A 27 -6.30 15.76 16.98
N ARG A 28 -5.97 17.05 17.00
CA ARG A 28 -6.70 18.04 16.21
C ARG A 28 -6.64 17.68 14.74
N GLY A 29 -5.51 17.13 14.31
CA GLY A 29 -5.33 16.76 12.92
C GLY A 29 -5.97 15.45 12.50
N LYS A 30 -5.93 14.47 13.38
CA LYS A 30 -6.55 13.19 13.06
C LYS A 30 -8.06 13.38 13.10
N THR A 31 -8.50 14.44 13.78
CA THR A 31 -9.92 14.75 13.87
C THR A 31 -10.40 15.31 12.54
N LEU A 32 -9.62 16.23 11.98
CA LEU A 32 -10.00 16.81 10.70
C LEU A 32 -9.91 15.76 9.59
N MET A 33 -8.90 14.92 9.68
CA MET A 33 -8.65 13.87 8.71
C MET A 33 -9.70 12.76 8.71
N TYR A 34 -10.31 12.52 9.87
CA TYR A 34 -11.34 11.49 9.99
C TYR A 34 -12.63 12.00 9.35
N GLU A 35 -12.78 13.32 9.35
CA GLU A 35 -13.95 13.97 8.77
C GLU A 35 -13.81 14.00 7.26
N PHE A 36 -12.58 14.12 6.78
CA PHE A 36 -12.32 14.16 5.34
C PHE A 36 -12.48 12.79 4.71
N ASN A 37 -11.94 11.77 5.38
CA ASN A 37 -11.98 10.40 4.90
C ASN A 37 -13.34 9.73 4.96
N HIS A 38 -14.24 10.27 5.78
CA HIS A 38 -15.58 9.70 5.91
C HIS A 38 -16.61 10.53 5.20
N SER A 39 -16.15 11.64 4.64
CA SER A 39 -17.03 12.54 3.93
C SER A 39 -17.58 11.90 2.66
N HIS A 40 -18.84 12.21 2.37
CA HIS A 40 -19.52 11.68 1.20
C HIS A 40 -18.96 12.33 -0.05
N PRO A 41 -18.85 11.56 -1.15
CA PRO A 41 -18.32 12.11 -2.41
C PRO A 41 -19.04 13.35 -2.95
N SER A 42 -20.28 13.57 -2.50
CA SER A 42 -21.03 14.72 -2.97
C SER A 42 -20.77 15.93 -2.10
N GLU A 43 -20.00 15.76 -1.03
CA GLU A 43 -19.69 16.88 -0.17
C GLU A 43 -18.45 17.55 -0.73
N VAL A 44 -18.58 18.06 -1.96
CA VAL A 44 -17.45 18.70 -2.62
C VAL A 44 -16.99 19.94 -1.91
N GLU A 45 -17.95 20.80 -1.53
CA GLU A 45 -17.62 22.03 -0.82
C GLU A 45 -16.97 21.73 0.53
N LYS A 46 -17.50 20.75 1.24
CA LYS A 46 -16.93 20.41 2.55
C LYS A 46 -15.49 19.89 2.43
N ARG A 47 -15.23 19.11 1.39
CA ARG A 47 -13.89 18.57 1.17
C ARG A 47 -12.91 19.68 0.83
N GLU A 48 -13.29 20.51 -0.14
CA GLU A 48 -12.44 21.61 -0.59
C GLU A 48 -12.01 22.48 0.57
N SER A 49 -12.94 22.77 1.48
CA SER A 49 -12.62 23.62 2.61
C SER A 49 -11.91 22.84 3.71
N LEU A 50 -12.10 21.53 3.72
CA LEU A 50 -11.45 20.71 4.72
C LEU A 50 -9.97 20.62 4.41
N ILE A 51 -9.61 20.52 3.14
CA ILE A 51 -8.19 20.44 2.82
C ILE A 51 -7.48 21.78 3.05
N LYS A 52 -8.24 22.85 3.15
CA LYS A 52 -7.64 24.16 3.38
C LYS A 52 -7.33 24.23 4.88
N GLU A 53 -8.14 23.52 5.66
CA GLU A 53 -7.97 23.50 7.11
C GLU A 53 -6.88 22.52 7.56
N MET A 54 -6.90 21.33 6.97
CA MET A 54 -5.96 20.26 7.29
C MET A 54 -4.48 20.58 7.15
N PHE A 55 -4.09 21.10 5.98
CA PHE A 55 -2.70 21.42 5.72
C PHE A 55 -2.32 22.85 6.09
N ALA A 56 -1.01 23.06 6.29
CA ALA A 56 -0.49 24.35 6.67
C ALA A 56 -0.72 25.39 5.57
N THR A 57 -0.36 25.02 4.35
CA THR A 57 -0.50 25.91 3.22
C THR A 57 -0.98 25.13 2.05
N VAL A 58 -1.97 25.66 1.34
CA VAL A 58 -2.52 25.00 0.18
C VAL A 58 -2.75 25.97 -0.99
N GLY A 59 -2.16 25.66 -2.14
CA GLY A 59 -2.31 26.50 -3.30
C GLY A 59 -3.70 26.31 -3.89
N GLU A 60 -4.06 27.16 -4.84
CA GLU A 60 -5.37 27.05 -5.46
C GLU A 60 -5.40 25.86 -6.39
N ASN A 61 -6.57 25.26 -6.54
CA ASN A 61 -6.73 24.12 -7.44
C ASN A 61 -6.17 22.82 -6.93
N ALA A 62 -6.16 22.64 -5.62
CA ALA A 62 -5.66 21.42 -5.07
C ALA A 62 -6.82 20.44 -5.01
N TRP A 63 -6.49 19.15 -5.08
CA TRP A 63 -7.49 18.11 -4.98
C TRP A 63 -6.82 16.87 -4.43
N VAL A 64 -7.42 16.35 -3.37
CA VAL A 64 -6.92 15.16 -2.72
C VAL A 64 -8.05 14.13 -2.65
N GLU A 65 -7.83 13.01 -3.33
CA GLU A 65 -8.81 11.94 -3.32
C GLU A 65 -8.70 11.18 -1.99
N PRO A 66 -9.78 11.12 -1.22
CA PRO A 66 -9.71 10.41 0.07
C PRO A 66 -9.65 8.89 -0.14
N PRO A 67 -9.13 8.14 0.85
CA PRO A 67 -8.63 8.70 2.11
C PRO A 67 -7.19 9.22 2.01
N VAL A 68 -6.85 10.07 2.97
CA VAL A 68 -5.51 10.64 3.09
C VAL A 68 -5.07 10.38 4.51
N TYR A 69 -3.80 10.11 4.72
CA TYR A 69 -3.31 9.84 6.07
C TYR A 69 -2.04 10.62 6.43
N PHE A 70 -2.05 11.28 7.58
CA PHE A 70 -0.89 12.03 8.06
C PHE A 70 -0.84 12.05 9.58
N SER A 71 0.28 12.50 10.12
CA SER A 71 0.43 12.58 11.57
C SER A 71 -0.22 13.86 12.10
N TYR A 72 0.32 15.00 11.65
CA TYR A 72 -0.20 16.31 11.99
C TYR A 72 -0.50 16.77 10.58
N GLY A 73 -1.40 17.72 10.39
CA GLY A 73 -1.62 18.14 9.02
C GLY A 73 -0.81 19.41 8.77
N SER A 74 -0.66 20.17 9.85
CA SER A 74 0.03 21.45 9.85
C SER A 74 1.47 21.54 9.38
N ASN A 75 2.14 20.41 9.18
CA ASN A 75 3.54 20.47 8.74
C ASN A 75 3.67 20.29 7.25
N ILE A 76 2.54 20.11 6.57
CA ILE A 76 2.54 19.92 5.13
C ILE A 76 2.21 21.19 4.34
N HIS A 77 3.11 21.58 3.45
CA HIS A 77 2.92 22.76 2.62
C HIS A 77 2.83 22.31 1.17
N ILE A 78 1.74 22.69 0.50
CA ILE A 78 1.50 22.32 -0.89
C ILE A 78 1.28 23.52 -1.81
N GLY A 79 1.82 23.42 -3.03
CA GLY A 79 1.69 24.49 -4.01
C GLY A 79 0.41 24.46 -4.82
N ARG A 80 0.47 25.02 -6.03
CA ARG A 80 -0.69 25.08 -6.93
C ARG A 80 -0.98 23.79 -7.70
N ASN A 81 -2.21 23.68 -8.19
CA ASN A 81 -2.62 22.54 -9.01
C ASN A 81 -2.15 21.18 -8.54
N PHE A 82 -2.12 21.01 -7.22
CA PHE A 82 -1.70 19.75 -6.64
C PHE A 82 -2.78 18.70 -6.83
N TYR A 83 -2.37 17.48 -7.10
CA TYR A 83 -3.32 16.38 -7.26
C TYR A 83 -2.78 15.08 -6.68
N ALA A 84 -3.50 14.54 -5.70
CA ALA A 84 -3.13 13.28 -5.05
C ALA A 84 -4.22 12.25 -5.22
N ASN A 85 -3.83 11.03 -5.59
CA ASN A 85 -4.80 9.94 -5.75
C ASN A 85 -5.00 9.20 -4.43
N PHE A 86 -5.78 8.12 -4.47
CA PHE A 86 -6.08 7.34 -3.27
C PHE A 86 -4.94 7.04 -2.31
N ASN A 87 -5.28 6.98 -1.04
CA ASN A 87 -4.34 6.63 0.02
C ASN A 87 -2.97 7.25 0.08
N LEU A 88 -2.89 8.58 0.01
CA LEU A 88 -1.60 9.21 0.11
C LEU A 88 -1.32 9.30 1.60
N THR A 89 -0.15 8.80 2.02
CA THR A 89 0.24 8.81 3.43
C THR A 89 1.45 9.71 3.64
N ILE A 90 1.32 10.69 4.52
CA ILE A 90 2.43 11.58 4.81
C ILE A 90 2.71 11.66 6.30
N VAL A 91 3.84 11.09 6.71
CA VAL A 91 4.22 11.10 8.12
C VAL A 91 5.01 12.37 8.30
N ASP A 92 4.28 13.45 8.64
CA ASP A 92 4.89 14.75 8.81
C ASP A 92 5.11 15.21 10.23
N ASP A 93 6.11 14.64 10.88
CA ASP A 93 6.45 15.05 12.24
C ASP A 93 7.24 16.33 12.11
N TYR A 94 7.55 16.64 10.87
CA TYR A 94 8.27 17.86 10.53
C TYR A 94 7.86 18.29 9.12
N THR A 95 8.39 19.42 8.68
CA THR A 95 8.07 19.96 7.38
C THR A 95 8.13 19.02 6.19
N VAL A 96 7.12 19.14 5.33
CA VAL A 96 7.00 18.38 4.08
C VAL A 96 6.60 19.46 3.09
N THR A 97 7.41 19.68 2.06
CA THR A 97 7.12 20.72 1.08
C THR A 97 6.94 20.21 -0.33
N ILE A 98 5.80 20.55 -0.91
CA ILE A 98 5.46 20.15 -2.27
C ILE A 98 5.27 21.37 -3.16
N GLY A 99 5.93 21.36 -4.30
CA GLY A 99 5.86 22.49 -5.22
C GLY A 99 4.58 22.60 -6.04
N ASP A 100 4.71 23.20 -7.22
CA ASP A 100 3.57 23.39 -8.08
C ASP A 100 3.42 22.27 -9.09
N ASN A 101 2.18 22.08 -9.54
CA ASN A 101 1.88 21.05 -10.54
C ASN A 101 2.43 19.68 -10.21
N VAL A 102 2.26 19.25 -8.96
CA VAL A 102 2.74 17.93 -8.54
C VAL A 102 1.63 16.90 -8.67
N LEU A 103 1.99 15.74 -9.21
CA LEU A 103 1.04 14.65 -9.45
C LEU A 103 1.40 13.40 -8.67
N ILE A 104 0.49 12.94 -7.81
CA ILE A 104 0.74 11.75 -7.00
C ILE A 104 -0.21 10.59 -7.26
N ALA A 105 0.37 9.48 -7.71
CA ALA A 105 -0.37 8.25 -8.02
C ALA A 105 -0.88 7.61 -6.72
N PRO A 106 -1.80 6.64 -6.81
CA PRO A 106 -2.34 6.00 -5.61
C PRO A 106 -1.30 5.27 -4.75
N ASN A 107 -1.57 5.22 -3.44
CA ASN A 107 -0.71 4.51 -2.50
C ASN A 107 0.74 4.91 -2.45
N VAL A 108 0.96 6.17 -2.11
CA VAL A 108 2.31 6.70 -2.00
C VAL A 108 2.54 7.05 -0.54
N THR A 109 3.78 6.84 -0.08
CA THR A 109 4.12 7.14 1.31
C THR A 109 5.31 8.08 1.38
N LEU A 110 5.12 9.18 2.10
CA LEU A 110 6.16 10.17 2.29
C LEU A 110 6.39 10.21 3.79
N SER A 111 7.66 10.13 4.20
CA SER A 111 7.98 10.13 5.61
C SER A 111 9.26 10.87 5.99
N VAL A 112 9.10 11.94 6.75
CA VAL A 112 10.24 12.72 7.19
C VAL A 112 10.89 11.99 8.37
N THR A 113 10.08 11.17 9.06
CA THR A 113 10.53 10.44 10.23
C THR A 113 11.06 9.03 10.03
N GLY A 114 12.01 8.68 10.88
CA GLY A 114 12.62 7.37 10.87
C GLY A 114 13.12 7.08 12.28
N HIS A 115 13.59 5.87 12.50
CA HIS A 115 14.09 5.49 13.81
C HIS A 115 15.53 5.00 13.72
N PRO A 116 16.30 5.18 14.81
CA PRO A 116 17.70 4.73 14.82
C PRO A 116 17.72 3.21 14.64
N VAL A 117 18.60 2.74 13.78
CA VAL A 117 18.70 1.32 13.50
C VAL A 117 19.07 0.52 14.74
N HIS A 118 19.91 1.08 15.61
CA HIS A 118 20.30 0.37 16.82
C HIS A 118 19.16 0.34 17.80
N HIS A 119 18.76 -0.87 18.20
CA HIS A 119 17.65 -1.05 19.12
C HIS A 119 17.81 -0.38 20.48
N GLU A 120 19.04 -0.10 20.87
CA GLU A 120 19.27 0.52 22.15
C GLU A 120 19.01 2.03 22.10
N LEU A 121 18.95 2.57 20.88
CA LEU A 121 18.73 4.00 20.68
C LEU A 121 17.27 4.37 20.49
N ARG A 122 16.39 3.38 20.47
CA ARG A 122 14.98 3.65 20.26
C ARG A 122 14.15 2.91 21.27
N LYS A 123 14.73 2.62 22.41
CA LYS A 123 14.01 1.92 23.45
C LYS A 123 12.69 2.60 23.78
N ASN A 124 12.68 3.92 23.70
CA ASN A 124 11.48 4.68 24.02
C ASN A 124 10.89 5.42 22.84
N GLY A 125 10.86 4.74 21.70
CA GLY A 125 10.32 5.34 20.50
C GLY A 125 11.04 6.61 20.08
N GLU A 126 12.37 6.62 20.17
CA GLU A 126 13.12 7.80 19.78
C GLU A 126 13.02 7.87 18.27
N MET A 127 13.03 9.08 17.74
CA MET A 127 12.95 9.23 16.30
C MET A 127 13.66 10.48 15.84
N TYR A 128 13.82 10.58 14.53
CA TYR A 128 14.45 11.75 13.94
C TYR A 128 13.56 12.16 12.80
N SER A 129 13.58 13.46 12.49
CA SER A 129 12.77 13.99 11.41
C SER A 129 13.56 14.91 10.51
N PHE A 130 13.52 14.62 9.21
CA PHE A 130 14.25 15.42 8.24
C PHE A 130 13.34 15.83 7.07
N PRO A 131 13.12 17.14 6.92
CA PRO A 131 12.26 17.71 5.87
C PRO A 131 12.43 17.10 4.49
N ILE A 132 11.31 16.92 3.79
CA ILE A 132 11.33 16.39 2.45
C ILE A 132 10.87 17.55 1.57
N THR A 133 11.55 17.74 0.44
CA THR A 133 11.23 18.80 -0.50
C THR A 133 10.94 18.21 -1.87
N ILE A 134 9.76 18.45 -2.39
CA ILE A 134 9.38 17.96 -3.70
C ILE A 134 9.23 19.14 -4.67
N GLY A 135 10.10 19.19 -5.68
CA GLY A 135 10.06 20.26 -6.64
C GLY A 135 8.77 20.41 -7.43
N ASN A 136 8.77 21.37 -8.34
CA ASN A 136 7.62 21.66 -9.18
C ASN A 136 7.52 20.63 -10.29
N ASN A 137 6.33 20.49 -10.85
CA ASN A 137 6.06 19.56 -11.97
C ASN A 137 6.64 18.16 -11.81
N VAL A 138 6.43 17.57 -10.64
CA VAL A 138 6.92 16.25 -10.35
C VAL A 138 5.81 15.21 -10.38
N TRP A 139 6.10 14.06 -10.98
CA TRP A 139 5.13 12.98 -11.05
C TRP A 139 5.65 11.74 -10.33
N ILE A 140 5.03 11.43 -9.20
CA ILE A 140 5.40 10.27 -8.41
C ILE A 140 4.47 9.09 -8.72
N GLY A 141 5.06 7.96 -9.11
CA GLY A 141 4.29 6.79 -9.46
C GLY A 141 3.66 6.05 -8.29
N SER A 142 2.93 4.98 -8.60
CA SER A 142 2.25 4.20 -7.58
C SER A 142 3.14 3.43 -6.62
N HIS A 143 2.68 3.29 -5.39
CA HIS A 143 3.40 2.55 -4.36
C HIS A 143 4.83 3.01 -4.09
N VAL A 144 5.12 4.27 -4.34
CA VAL A 144 6.46 4.78 -4.10
C VAL A 144 6.59 5.12 -2.62
N VAL A 145 7.81 5.10 -2.09
CA VAL A 145 8.06 5.48 -0.71
C VAL A 145 9.18 6.49 -0.73
N ILE A 146 8.98 7.63 -0.07
CA ILE A 146 10.00 8.66 -0.02
C ILE A 146 10.47 8.76 1.41
N ASN A 147 11.74 8.51 1.63
CA ASN A 147 12.30 8.54 2.96
C ASN A 147 12.74 9.91 3.44
N PRO A 148 13.08 10.03 4.73
CA PRO A 148 13.52 11.30 5.33
C PRO A 148 14.65 12.07 4.62
N GLY A 149 14.60 13.40 4.73
CA GLY A 149 15.61 14.25 4.13
C GLY A 149 15.74 14.26 2.62
N VAL A 150 14.97 13.43 1.94
CA VAL A 150 15.03 13.35 0.49
C VAL A 150 14.59 14.64 -0.20
N THR A 151 15.17 14.93 -1.35
CA THR A 151 14.80 16.11 -2.13
C THR A 151 14.60 15.66 -3.58
N ILE A 152 13.40 15.87 -4.11
CA ILE A 152 13.16 15.48 -5.51
C ILE A 152 13.25 16.77 -6.31
N GLY A 153 14.07 16.77 -7.35
CA GLY A 153 14.21 17.97 -8.15
C GLY A 153 13.07 18.20 -9.13
N ASP A 154 12.93 19.44 -9.58
CA ASP A 154 11.87 19.82 -10.51
C ASP A 154 11.82 18.99 -11.76
N ASN A 155 10.60 18.79 -12.26
CA ASN A 155 10.33 18.04 -13.49
C ASN A 155 10.70 16.58 -13.51
N SER A 156 11.18 16.06 -12.39
CA SER A 156 11.57 14.66 -12.35
C SER A 156 10.36 13.73 -12.21
N VAL A 157 10.54 12.49 -12.65
CA VAL A 157 9.51 11.48 -12.60
C VAL A 157 10.02 10.29 -11.80
N ILE A 158 9.26 9.88 -10.79
CA ILE A 158 9.60 8.76 -9.93
C ILE A 158 8.73 7.57 -10.36
N GLY A 159 9.38 6.50 -10.82
CA GLY A 159 8.69 5.31 -11.28
C GLY A 159 7.90 4.58 -10.20
N ALA A 160 6.86 3.86 -10.60
CA ALA A 160 6.05 3.15 -9.61
C ALA A 160 6.86 2.15 -8.80
N GLY A 161 6.56 2.08 -7.51
CA GLY A 161 7.25 1.14 -6.64
C GLY A 161 8.64 1.51 -6.16
N SER A 162 9.19 2.62 -6.60
CA SER A 162 10.53 2.92 -6.13
C SER A 162 10.59 3.34 -4.67
N ILE A 163 11.75 3.13 -4.08
CA ILE A 163 12.02 3.50 -2.70
C ILE A 163 13.11 4.55 -2.85
N VAL A 164 12.78 5.78 -2.54
CA VAL A 164 13.72 6.88 -2.66
C VAL A 164 14.41 7.14 -1.32
N THR A 165 15.72 6.95 -1.31
CA THR A 165 16.49 7.14 -0.09
C THR A 165 17.54 8.22 -0.25
N LYS A 166 17.77 8.63 -1.49
CA LYS A 166 18.76 9.66 -1.80
C LYS A 166 18.15 10.69 -2.74
N ASP A 167 18.60 11.94 -2.64
CA ASP A 167 18.09 13.02 -3.49
C ASP A 167 18.04 12.61 -4.94
N ILE A 168 17.07 13.14 -5.66
CA ILE A 168 16.94 12.86 -7.06
C ILE A 168 17.13 14.20 -7.77
N PRO A 169 18.10 14.26 -8.70
CA PRO A 169 18.34 15.52 -9.40
C PRO A 169 17.14 15.89 -10.25
N PRO A 170 17.04 17.16 -10.64
CA PRO A 170 15.90 17.52 -11.48
C PRO A 170 16.02 17.01 -12.92
N ASN A 171 14.92 17.08 -13.64
CA ASN A 171 14.83 16.67 -15.05
C ASN A 171 15.19 15.25 -15.38
N VAL A 172 14.92 14.32 -14.46
CA VAL A 172 15.26 12.91 -14.69
C VAL A 172 14.13 11.93 -14.45
N VAL A 173 14.30 10.72 -14.99
CA VAL A 173 13.36 9.63 -14.77
C VAL A 173 14.15 8.73 -13.83
N ALA A 174 13.60 8.44 -12.65
CA ALA A 174 14.28 7.60 -11.68
C ALA A 174 13.40 6.44 -11.20
N ALA A 175 14.02 5.33 -10.82
CA ALA A 175 13.26 4.18 -10.35
C ALA A 175 14.11 3.10 -9.68
N GLY A 176 13.42 2.07 -9.19
CA GLY A 176 14.10 0.96 -8.56
C GLY A 176 14.04 0.90 -7.05
N VAL A 177 14.59 -0.18 -6.51
CA VAL A 177 14.67 -0.44 -5.09
C VAL A 177 16.12 -0.80 -4.77
N PRO A 178 16.94 0.19 -4.38
CA PRO A 178 16.56 1.60 -4.21
C PRO A 178 16.58 2.42 -5.50
N CYS A 179 15.94 3.57 -5.42
CA CYS A 179 15.83 4.46 -6.56
C CYS A 179 17.17 4.94 -7.09
N ARG A 180 17.27 5.00 -8.41
CA ARG A 180 18.47 5.47 -9.09
C ARG A 180 18.05 6.13 -10.38
N VAL A 181 18.81 7.12 -10.81
CA VAL A 181 18.51 7.85 -12.04
C VAL A 181 18.71 6.93 -13.23
N ILE A 182 17.68 6.68 -14.03
CA ILE A 182 17.86 5.80 -15.17
C ILE A 182 18.14 6.55 -16.48
N ARG A 183 17.75 7.82 -16.53
CA ARG A 183 17.97 8.65 -17.72
C ARG A 183 17.43 10.05 -17.55
N GLU A 184 17.94 10.94 -18.40
CA GLU A 184 17.53 12.33 -18.37
C GLU A 184 16.31 12.49 -19.29
N ILE A 185 15.45 13.45 -18.96
CA ILE A 185 14.29 13.69 -19.80
C ILE A 185 14.74 14.73 -20.84
N ASN A 186 14.68 14.37 -22.12
CA ASN A 186 15.12 15.28 -23.18
C ASN A 186 13.97 15.68 -24.10
N ASP A 187 14.30 16.02 -25.35
CA ASP A 187 13.30 16.42 -26.32
C ASP A 187 12.56 15.26 -26.98
N ARG A 188 13.10 14.06 -26.87
CA ARG A 188 12.45 12.89 -27.44
C ARG A 188 11.16 12.67 -26.64
N ASP A 189 11.17 13.12 -25.39
CA ASP A 189 10.02 12.97 -24.49
C ASP A 189 9.01 14.06 -24.71
N LYS A 190 9.31 14.92 -25.67
CA LYS A 190 8.43 16.01 -26.03
C LYS A 190 7.57 15.53 -27.19
N HIS A 191 8.00 14.44 -27.80
CA HIS A 191 7.30 13.85 -28.94
C HIS A 191 6.66 12.52 -28.61
N TYR A 192 7.43 11.64 -27.98
CA TYR A 192 6.93 10.33 -27.59
C TYR A 192 6.50 10.39 -26.13
N TYR A 193 5.20 10.23 -25.87
CA TYR A 193 4.71 10.26 -24.48
C TYR A 193 4.66 8.89 -23.79
N PHE A 194 4.36 7.84 -24.55
CA PHE A 194 4.29 6.48 -24.02
C PHE A 194 4.76 5.46 -25.06
N LYS A 195 5.63 4.55 -24.61
CA LYS A 195 6.17 3.48 -25.45
C LYS A 195 6.39 3.93 -26.89
N ASP A 196 5.62 3.36 -27.81
CA ASP A 196 5.76 3.67 -29.22
C ASP A 196 4.68 4.58 -29.80
N TYR A 197 3.98 5.32 -28.93
CA TYR A 197 2.92 6.23 -29.40
C TYR A 197 3.42 7.67 -29.38
N LYS A 198 3.42 8.30 -30.54
CA LYS A 198 3.88 9.69 -30.66
C LYS A 198 2.72 10.69 -30.64
N VAL A 199 2.99 11.90 -30.19
CA VAL A 199 1.97 12.92 -30.13
C VAL A 199 1.92 13.66 -31.47
N GLU A 200 1.27 13.05 -32.47
CA GLU A 200 1.11 13.63 -33.79
C GLU A 200 0.48 15.01 -33.64
N SER A 201 1.23 15.89 -32.97
CA SER A 201 0.87 17.26 -32.62
C SER A 201 0.12 18.10 -33.68
N SER A 202 -0.85 18.86 -33.17
CA SER A 202 -1.64 19.76 -34.00
C SER A 202 -1.45 21.15 -33.39
N ASN B 2 -9.22 17.69 -28.20
CA ASN B 2 -8.84 18.35 -29.51
C ASN B 2 -9.54 17.62 -30.66
N MET B 3 -10.58 16.89 -30.25
CA MET B 3 -11.49 16.05 -31.03
C MET B 3 -12.31 15.59 -29.81
N PRO B 4 -13.44 14.91 -29.97
CA PRO B 4 -14.08 14.56 -28.68
C PRO B 4 -13.13 13.77 -27.76
N MET B 5 -13.23 14.03 -26.46
CA MET B 5 -12.37 13.38 -25.47
C MET B 5 -12.47 11.87 -25.37
N THR B 6 -13.70 11.34 -25.33
CA THR B 6 -13.88 9.90 -25.24
C THR B 6 -13.38 9.21 -26.51
N GLU B 7 -13.25 9.98 -27.58
CA GLU B 7 -12.78 9.43 -28.84
C GLU B 7 -11.27 9.18 -28.79
N ARG B 8 -10.58 10.01 -28.01
CA ARG B 8 -9.13 9.93 -27.83
C ARG B 8 -8.75 8.84 -26.85
N ILE B 9 -9.56 8.68 -25.81
CA ILE B 9 -9.33 7.62 -24.82
C ILE B 9 -9.26 6.30 -25.58
N ARG B 10 -10.24 6.08 -26.44
CA ARG B 10 -10.32 4.86 -27.21
C ARG B 10 -9.14 4.59 -28.16
N ALA B 11 -8.52 5.64 -28.67
CA ALA B 11 -7.39 5.51 -29.60
C ALA B 11 -6.02 5.58 -28.94
N GLY B 12 -5.98 5.90 -27.66
CA GLY B 12 -4.70 5.97 -26.96
C GLY B 12 -4.02 7.31 -27.12
N LYS B 13 -4.81 8.37 -27.25
CA LYS B 13 -4.27 9.71 -27.41
C LYS B 13 -4.44 10.42 -26.09
N LEU B 14 -3.62 11.44 -25.87
CA LEU B 14 -3.69 12.19 -24.61
C LEU B 14 -5.05 12.84 -24.48
N PHE B 15 -5.50 13.01 -23.24
CA PHE B 15 -6.80 13.60 -22.98
C PHE B 15 -6.90 14.07 -21.55
N THR B 16 -8.04 14.66 -21.22
CA THR B 16 -8.35 15.15 -19.88
C THR B 16 -9.81 14.76 -19.71
N ASP B 17 -10.23 14.55 -18.47
CA ASP B 17 -11.61 14.09 -18.24
C ASP B 17 -12.60 14.98 -17.49
N MET B 18 -12.54 16.29 -17.71
CA MET B 18 -13.46 17.21 -17.02
C MET B 18 -14.64 17.61 -17.91
N CYS B 19 -15.21 16.67 -18.65
CA CYS B 19 -16.31 17.00 -19.55
C CYS B 19 -17.00 15.78 -20.16
N GLU B 20 -17.95 16.03 -21.06
CA GLU B 20 -18.67 14.97 -21.73
C GLU B 20 -19.31 14.01 -20.73
N GLY B 21 -19.66 14.54 -19.57
CA GLY B 21 -20.30 13.70 -18.57
C GLY B 21 -19.39 12.72 -17.86
N LEU B 22 -18.08 12.80 -18.12
CA LEU B 22 -17.14 11.91 -17.45
C LEU B 22 -17.12 12.23 -15.95
N PRO B 23 -17.11 13.53 -15.61
CA PRO B 23 -17.09 13.93 -14.20
C PRO B 23 -18.28 13.41 -13.38
N GLU B 24 -19.38 13.11 -14.05
CA GLU B 24 -20.58 12.61 -13.37
C GLU B 24 -20.60 11.09 -13.33
N LYS B 25 -19.98 10.47 -14.34
CA LYS B 25 -19.91 9.02 -14.39
C LYS B 25 -19.07 8.56 -13.21
N ARG B 26 -18.11 9.41 -12.80
CA ARG B 26 -17.23 9.13 -11.67
C ARG B 26 -17.96 9.34 -10.36
N LEU B 27 -18.77 10.39 -10.29
CA LEU B 27 -19.54 10.67 -9.07
C LEU B 27 -20.52 9.52 -8.82
N ARG B 28 -21.17 9.06 -9.88
CA ARG B 28 -22.11 7.94 -9.74
C ARG B 28 -21.31 6.76 -9.19
N GLY B 29 -20.07 6.64 -9.66
CA GLY B 29 -19.19 5.57 -9.25
C GLY B 29 -18.64 5.63 -7.84
N LYS B 30 -18.12 6.79 -7.44
CA LYS B 30 -17.56 6.93 -6.11
C LYS B 30 -18.70 6.87 -5.09
N THR B 31 -19.91 7.09 -5.56
CA THR B 31 -21.06 7.06 -4.66
C THR B 31 -21.42 5.63 -4.29
N LEU B 32 -21.27 4.72 -5.23
CA LEU B 32 -21.59 3.33 -4.96
C LEU B 32 -20.45 2.72 -4.18
N MET B 33 -19.25 3.22 -4.39
CA MET B 33 -18.07 2.74 -3.69
C MET B 33 -18.06 3.17 -2.23
N TYR B 34 -18.43 4.41 -1.96
CA TYR B 34 -18.47 4.92 -0.59
C TYR B 34 -19.52 4.15 0.22
N GLU B 35 -20.53 3.62 -0.47
CA GLU B 35 -21.57 2.88 0.21
C GLU B 35 -21.10 1.49 0.54
N PHE B 36 -20.22 0.97 -0.30
CA PHE B 36 -19.67 -0.38 -0.14
C PHE B 36 -18.56 -0.41 0.91
N ASN B 37 -17.79 0.67 0.98
CA ASN B 37 -16.68 0.78 1.91
C ASN B 37 -17.16 1.07 3.33
N HIS B 38 -18.33 1.65 3.47
CA HIS B 38 -18.82 1.94 4.80
C HIS B 38 -19.87 0.95 5.27
N SER B 39 -20.22 0.01 4.39
CA SER B 39 -21.21 -0.99 4.73
C SER B 39 -20.71 -1.91 5.83
N HIS B 40 -21.62 -2.24 6.74
CA HIS B 40 -21.30 -3.12 7.85
C HIS B 40 -20.97 -4.52 7.33
N PRO B 41 -19.94 -5.17 7.89
CA PRO B 41 -19.53 -6.51 7.47
C PRO B 41 -20.63 -7.56 7.41
N SER B 42 -21.69 -7.36 8.18
CA SER B 42 -22.81 -8.30 8.15
C SER B 42 -23.74 -8.06 6.97
N GLU B 43 -23.75 -6.83 6.43
CA GLU B 43 -24.59 -6.49 5.29
C GLU B 43 -24.11 -7.20 4.03
N VAL B 44 -24.12 -8.54 4.09
CA VAL B 44 -23.68 -9.39 3.01
C VAL B 44 -24.50 -9.27 1.73
N GLU B 45 -25.81 -9.14 1.88
CA GLU B 45 -26.68 -9.02 0.71
C GLU B 45 -26.45 -7.68 0.05
N LYS B 46 -26.53 -6.62 0.86
CA LYS B 46 -26.32 -5.26 0.38
C LYS B 46 -25.03 -5.27 -0.40
N ARG B 47 -24.02 -5.90 0.19
CA ARG B 47 -22.70 -5.99 -0.42
C ARG B 47 -22.73 -6.77 -1.71
N GLU B 48 -23.27 -7.98 -1.66
CA GLU B 48 -23.33 -8.83 -2.85
C GLU B 48 -24.01 -8.14 -4.02
N SER B 49 -24.97 -7.28 -3.72
CA SER B 49 -25.70 -6.60 -4.77
C SER B 49 -25.00 -5.32 -5.21
N LEU B 50 -24.33 -4.66 -4.27
CA LEU B 50 -23.61 -3.42 -4.55
C LEU B 50 -22.49 -3.68 -5.55
N ILE B 51 -21.85 -4.83 -5.45
CA ILE B 51 -20.77 -5.12 -6.38
C ILE B 51 -21.30 -5.45 -7.77
N LYS B 52 -22.60 -5.73 -7.86
CA LYS B 52 -23.21 -6.03 -9.16
C LYS B 52 -23.48 -4.70 -9.87
N GLU B 53 -23.78 -3.69 -9.05
CA GLU B 53 -24.05 -2.35 -9.53
C GLU B 53 -22.75 -1.60 -9.83
N MET B 54 -21.75 -1.79 -8.96
CA MET B 54 -20.46 -1.12 -9.09
C MET B 54 -19.68 -1.42 -10.35
N PHE B 55 -19.56 -2.70 -10.70
CA PHE B 55 -18.80 -3.05 -11.87
C PHE B 55 -19.68 -3.26 -13.09
N ALA B 56 -19.12 -3.05 -14.27
CA ALA B 56 -19.82 -3.19 -15.53
C ALA B 56 -20.21 -4.62 -15.82
N THR B 57 -19.35 -5.54 -15.38
CA THR B 57 -19.58 -6.95 -15.59
C THR B 57 -18.99 -7.71 -14.42
N VAL B 58 -19.81 -8.56 -13.80
CA VAL B 58 -19.39 -9.35 -12.67
C VAL B 58 -19.94 -10.76 -12.79
N GLY B 59 -19.05 -11.76 -12.84
CA GLY B 59 -19.49 -13.13 -12.93
C GLY B 59 -20.03 -13.60 -11.60
N GLU B 60 -20.66 -14.76 -11.59
CA GLU B 60 -21.22 -15.26 -10.34
C GLU B 60 -20.11 -15.62 -9.38
N ASN B 61 -20.44 -15.59 -8.10
CA ASN B 61 -19.50 -15.94 -7.03
C ASN B 61 -18.35 -14.98 -6.82
N ALA B 62 -18.63 -13.70 -6.91
CA ALA B 62 -17.58 -12.71 -6.72
C ALA B 62 -17.56 -12.23 -5.28
N TRP B 63 -16.35 -12.02 -4.75
CA TRP B 63 -16.21 -11.50 -3.41
C TRP B 63 -15.07 -10.50 -3.39
N VAL B 64 -15.34 -9.34 -2.81
CA VAL B 64 -14.36 -8.28 -2.71
C VAL B 64 -14.38 -7.75 -1.29
N GLU B 65 -13.27 -7.95 -0.59
CA GLU B 65 -13.15 -7.50 0.78
C GLU B 65 -12.93 -5.99 0.80
N PRO B 66 -13.91 -5.22 1.31
CA PRO B 66 -13.78 -3.75 1.36
C PRO B 66 -12.53 -3.35 2.17
N PRO B 67 -11.96 -2.17 1.87
CA PRO B 67 -12.41 -1.22 0.87
C PRO B 67 -11.81 -1.46 -0.52
N VAL B 68 -12.53 -1.00 -1.54
CA VAL B 68 -12.10 -1.10 -2.94
C VAL B 68 -12.08 0.33 -3.44
N TYR B 69 -11.19 0.63 -4.38
CA TYR B 69 -11.08 1.98 -4.89
C TYR B 69 -10.92 1.97 -6.40
N PHE B 70 -11.68 2.81 -7.10
CA PHE B 70 -11.60 2.93 -8.56
C PHE B 70 -12.05 4.31 -8.96
N SER B 71 -11.90 4.63 -10.26
CA SER B 71 -12.27 5.94 -10.80
C SER B 71 -13.74 5.95 -11.22
N TYR B 72 -14.07 5.05 -12.12
CA TYR B 72 -15.45 4.85 -12.60
C TYR B 72 -15.53 3.36 -12.37
N GLY B 73 -16.66 2.84 -11.91
CA GLY B 73 -16.69 1.40 -11.71
C GLY B 73 -17.07 0.68 -12.99
N SER B 74 -17.76 1.40 -13.87
CA SER B 74 -18.26 0.88 -15.14
C SER B 74 -17.26 0.49 -16.19
N ASN B 75 -15.97 0.51 -15.88
CA ASN B 75 -14.98 0.09 -16.88
C ASN B 75 -14.31 -1.22 -16.47
N ILE B 76 -14.80 -1.82 -15.38
CA ILE B 76 -14.26 -3.05 -14.83
C ILE B 76 -15.12 -4.27 -15.10
N HIS B 77 -14.57 -5.26 -15.82
CA HIS B 77 -15.29 -6.49 -16.17
C HIS B 77 -14.61 -7.72 -15.59
N ILE B 78 -15.26 -8.33 -14.60
CA ILE B 78 -14.73 -9.51 -13.94
C ILE B 78 -15.48 -10.79 -14.28
N GLY B 79 -14.75 -11.91 -14.29
CA GLY B 79 -15.33 -13.20 -14.60
C GLY B 79 -15.92 -13.95 -13.41
N ARG B 80 -15.81 -15.28 -13.42
CA ARG B 80 -16.36 -16.09 -12.34
C ARG B 80 -15.40 -16.31 -11.18
N ASN B 81 -15.98 -16.65 -10.03
CA ASN B 81 -15.23 -16.96 -8.80
C ASN B 81 -14.13 -15.96 -8.47
N PHE B 82 -14.43 -14.69 -8.63
CA PHE B 82 -13.46 -13.65 -8.35
C PHE B 82 -13.31 -13.37 -6.86
N TYR B 83 -12.07 -13.26 -6.41
CA TYR B 83 -11.79 -12.97 -5.02
C TYR B 83 -10.72 -11.92 -4.81
N ALA B 84 -11.09 -10.79 -4.22
CA ALA B 84 -10.13 -9.72 -3.97
C ALA B 84 -10.04 -9.40 -2.49
N ASN B 85 -8.82 -9.22 -1.99
CA ASN B 85 -8.59 -8.90 -0.59
C ASN B 85 -8.56 -7.39 -0.36
N PHE B 86 -8.28 -6.99 0.89
CA PHE B 86 -8.25 -5.58 1.25
C PHE B 86 -7.53 -4.63 0.30
N ASN B 87 -8.06 -3.42 0.24
CA ASN B 87 -7.53 -2.32 -0.55
C ASN B 87 -7.14 -2.53 -2.01
N LEU B 88 -8.02 -3.13 -2.81
CA LEU B 88 -7.70 -3.29 -4.22
C LEU B 88 -7.97 -1.91 -4.84
N THR B 89 -7.07 -1.46 -5.71
CA THR B 89 -7.25 -0.17 -6.33
C THR B 89 -7.17 -0.33 -7.85
N ILE B 90 -8.26 -0.01 -8.55
CA ILE B 90 -8.29 -0.13 -10.01
C ILE B 90 -8.56 1.24 -10.62
N VAL B 91 -7.49 1.86 -11.13
CA VAL B 91 -7.62 3.15 -11.78
C VAL B 91 -8.02 2.77 -13.20
N ASP B 92 -9.34 2.76 -13.42
CA ASP B 92 -9.95 2.36 -14.68
C ASP B 92 -10.56 3.46 -15.53
N ASP B 93 -9.72 4.35 -16.03
CA ASP B 93 -10.20 5.43 -16.88
C ASP B 93 -10.52 4.80 -18.25
N TYR B 94 -10.33 3.48 -18.33
CA TYR B 94 -10.58 2.70 -19.53
C TYR B 94 -10.64 1.22 -19.16
N THR B 95 -10.98 0.40 -20.14
CA THR B 95 -11.11 -1.06 -19.97
C THR B 95 -10.12 -1.82 -19.07
N VAL B 96 -10.68 -2.55 -18.10
CA VAL B 96 -9.91 -3.42 -17.21
C VAL B 96 -10.65 -4.77 -17.24
N THR B 97 -10.04 -5.80 -17.79
CA THR B 97 -10.70 -7.10 -17.88
C THR B 97 -10.03 -8.20 -17.07
N ILE B 98 -10.78 -8.79 -16.16
CA ILE B 98 -10.29 -9.86 -15.29
C ILE B 98 -11.02 -11.17 -15.59
N GLY B 99 -10.24 -12.21 -15.89
CA GLY B 99 -10.79 -13.52 -16.22
C GLY B 99 -11.38 -14.34 -15.09
N ASP B 100 -11.60 -15.62 -15.36
CA ASP B 100 -12.17 -16.55 -14.40
C ASP B 100 -11.19 -16.94 -13.32
N ASN B 101 -11.72 -17.25 -12.14
CA ASN B 101 -10.93 -17.70 -11.00
C ASN B 101 -9.66 -16.93 -10.70
N VAL B 102 -9.77 -15.61 -10.64
CA VAL B 102 -8.61 -14.81 -10.33
C VAL B 102 -8.62 -14.51 -8.83
N LEU B 103 -7.43 -14.50 -8.23
CA LEU B 103 -7.27 -14.24 -6.81
C LEU B 103 -6.36 -13.04 -6.61
N ILE B 104 -6.84 -12.06 -5.87
CA ILE B 104 -6.05 -10.86 -5.63
C ILE B 104 -5.70 -10.67 -4.17
N ALA B 105 -4.41 -10.59 -3.89
CA ALA B 105 -3.92 -10.40 -2.55
C ALA B 105 -4.16 -8.95 -2.12
N PRO B 106 -3.90 -8.64 -0.84
CA PRO B 106 -4.10 -7.28 -0.34
C PRO B 106 -3.18 -6.22 -0.94
N ASN B 107 -3.70 -5.00 -0.96
CA ASN B 107 -2.99 -3.84 -1.46
C ASN B 107 -2.43 -3.95 -2.87
N VAL B 108 -3.28 -4.31 -3.82
CA VAL B 108 -2.86 -4.42 -5.20
C VAL B 108 -3.39 -3.21 -5.95
N THR B 109 -2.57 -2.65 -6.84
CA THR B 109 -2.97 -1.47 -7.63
C THR B 109 -2.95 -1.76 -9.13
N LEU B 110 -4.07 -1.52 -9.79
CA LEU B 110 -4.20 -1.73 -11.23
C LEU B 110 -4.46 -0.37 -11.86
N SER B 111 -3.67 0.01 -12.86
CA SER B 111 -3.88 1.30 -13.49
C SER B 111 -3.70 1.29 -15.00
N VAL B 112 -4.72 1.73 -15.72
CA VAL B 112 -4.65 1.80 -17.16
C VAL B 112 -4.12 3.18 -17.55
N THR B 113 -4.07 4.07 -16.56
CA THR B 113 -3.64 5.44 -16.79
C THR B 113 -2.21 5.78 -16.40
N GLY B 114 -1.53 6.47 -17.31
CA GLY B 114 -0.18 6.92 -17.09
C GLY B 114 -0.18 8.37 -17.58
N HIS B 115 0.78 9.17 -17.12
CA HIS B 115 0.88 10.56 -17.56
C HIS B 115 2.14 10.67 -18.40
N PRO B 116 2.21 11.68 -19.27
CA PRO B 116 3.39 11.87 -20.13
C PRO B 116 4.60 12.21 -19.25
N VAL B 117 5.73 11.61 -19.57
CA VAL B 117 6.95 11.84 -18.81
C VAL B 117 7.37 13.32 -18.86
N HIS B 118 7.37 13.91 -20.05
CA HIS B 118 7.75 15.31 -20.14
C HIS B 118 6.73 16.20 -19.43
N HIS B 119 7.20 16.93 -18.42
CA HIS B 119 6.31 17.81 -17.66
C HIS B 119 5.56 18.79 -18.51
N GLU B 120 6.01 18.98 -19.74
CA GLU B 120 5.36 19.93 -20.62
C GLU B 120 4.09 19.38 -21.26
N LEU B 121 4.03 18.06 -21.41
CA LEU B 121 2.88 17.40 -22.01
C LEU B 121 1.76 17.12 -21.00
N ARG B 122 1.96 17.50 -19.73
CA ARG B 122 0.93 17.26 -18.71
C ARG B 122 0.68 18.46 -17.81
N LYS B 123 0.82 19.67 -18.37
CA LYS B 123 0.59 20.91 -17.63
C LYS B 123 -0.82 20.91 -17.05
N ASN B 124 -1.76 20.36 -17.82
CA ASN B 124 -3.17 20.32 -17.41
C ASN B 124 -3.67 18.93 -17.09
N GLY B 125 -2.80 18.10 -16.51
CA GLY B 125 -3.17 16.75 -16.14
C GLY B 125 -3.51 15.84 -17.31
N GLU B 126 -2.79 15.99 -18.41
CA GLU B 126 -3.00 15.17 -19.59
C GLU B 126 -2.76 13.73 -19.17
N MET B 127 -3.47 12.80 -19.78
CA MET B 127 -3.29 11.41 -19.44
C MET B 127 -3.58 10.48 -20.61
N TYR B 128 -3.10 9.25 -20.53
CA TYR B 128 -3.33 8.27 -21.57
C TYR B 128 -3.80 7.01 -20.86
N SER B 129 -4.62 6.22 -21.55
CA SER B 129 -5.15 5.00 -20.95
C SER B 129 -4.99 3.82 -21.90
N PHE B 130 -4.58 2.68 -21.35
CA PHE B 130 -4.43 1.48 -22.14
C PHE B 130 -4.93 0.27 -21.35
N PRO B 131 -5.87 -0.49 -21.93
CA PRO B 131 -6.47 -1.68 -21.33
C PRO B 131 -5.52 -2.69 -20.73
N ILE B 132 -5.95 -3.20 -19.58
CA ILE B 132 -5.23 -4.20 -18.82
C ILE B 132 -6.06 -5.48 -18.90
N THR B 133 -5.41 -6.57 -19.25
CA THR B 133 -6.10 -7.82 -19.36
C THR B 133 -5.45 -8.85 -18.45
N ILE B 134 -6.24 -9.38 -17.53
CA ILE B 134 -5.76 -10.37 -16.60
C ILE B 134 -6.46 -11.69 -16.95
N GLY B 135 -5.66 -12.67 -17.39
CA GLY B 135 -6.20 -13.96 -17.78
C GLY B 135 -6.90 -14.75 -16.70
N ASN B 136 -7.23 -16.00 -17.01
CA ASN B 136 -7.93 -16.89 -16.09
C ASN B 136 -6.99 -17.57 -15.11
N ASN B 137 -7.52 -17.87 -13.92
CA ASN B 137 -6.78 -18.54 -12.86
C ASN B 137 -5.44 -17.90 -12.55
N VAL B 138 -5.42 -16.58 -12.46
CA VAL B 138 -4.20 -15.85 -12.17
C VAL B 138 -4.16 -15.52 -10.68
N TRP B 139 -2.98 -15.45 -10.10
CA TRP B 139 -2.84 -15.11 -8.70
C TRP B 139 -1.85 -13.95 -8.58
N ILE B 140 -2.35 -12.82 -8.08
CA ILE B 140 -1.52 -11.64 -7.91
C ILE B 140 -1.19 -11.45 -6.44
N GLY B 141 0.10 -11.44 -6.12
CA GLY B 141 0.51 -11.27 -4.73
C GLY B 141 0.32 -9.90 -4.14
N SER B 142 0.60 -9.78 -2.85
CA SER B 142 0.47 -8.53 -2.12
C SER B 142 1.34 -7.37 -2.62
N HIS B 143 0.79 -6.16 -2.57
CA HIS B 143 1.50 -4.94 -2.98
C HIS B 143 1.98 -4.94 -4.43
N VAL B 144 1.26 -5.63 -5.31
CA VAL B 144 1.65 -5.66 -6.70
C VAL B 144 1.10 -4.42 -7.42
N VAL B 145 1.80 -3.98 -8.46
CA VAL B 145 1.39 -2.83 -9.26
C VAL B 145 1.37 -3.23 -10.74
N ILE B 146 0.20 -3.20 -11.36
CA ILE B 146 0.11 -3.55 -12.77
C ILE B 146 -0.05 -2.27 -13.57
N ASN B 147 0.89 -2.03 -14.48
CA ASN B 147 0.87 -0.83 -15.29
C ASN B 147 -0.05 -0.84 -16.50
N PRO B 148 -0.20 0.32 -17.16
CA PRO B 148 -1.06 0.39 -18.34
C PRO B 148 -0.70 -0.54 -19.48
N GLY B 149 -1.73 -0.95 -20.23
CA GLY B 149 -1.58 -1.80 -21.39
C GLY B 149 -0.97 -3.18 -21.20
N VAL B 150 -0.86 -3.62 -19.95
CA VAL B 150 -0.28 -4.92 -19.61
C VAL B 150 -1.25 -6.09 -19.72
N THR B 151 -0.72 -7.25 -20.07
CA THR B 151 -1.52 -8.46 -20.20
C THR B 151 -0.87 -9.63 -19.46
N ILE B 152 -1.56 -10.12 -18.44
CA ILE B 152 -1.07 -11.26 -17.67
C ILE B 152 -1.66 -12.54 -18.27
N GLY B 153 -0.80 -13.39 -18.82
CA GLY B 153 -1.27 -14.63 -19.42
C GLY B 153 -1.98 -15.53 -18.43
N ASP B 154 -2.80 -16.45 -18.94
CA ASP B 154 -3.57 -17.38 -18.10
C ASP B 154 -2.70 -18.20 -17.16
N ASN B 155 -3.28 -18.60 -16.03
CA ASN B 155 -2.62 -19.43 -15.02
C ASN B 155 -1.36 -18.91 -14.34
N SER B 156 -0.86 -17.76 -14.76
CA SER B 156 0.35 -17.22 -14.18
C SER B 156 0.19 -16.74 -12.74
N VAL B 157 1.32 -16.53 -12.08
CA VAL B 157 1.37 -16.05 -10.70
C VAL B 157 2.29 -14.84 -10.69
N ILE B 158 1.92 -13.81 -9.91
CA ILE B 158 2.73 -12.60 -9.81
C ILE B 158 3.26 -12.47 -8.38
N GLY B 159 4.58 -12.53 -8.25
CA GLY B 159 5.19 -12.44 -6.94
C GLY B 159 4.76 -11.20 -6.18
N ALA B 160 4.71 -11.29 -4.86
CA ALA B 160 4.31 -10.15 -4.05
C ALA B 160 5.29 -9.00 -4.29
N GLY B 161 4.79 -7.78 -4.27
CA GLY B 161 5.64 -6.63 -4.47
C GLY B 161 6.13 -6.26 -5.86
N SER B 162 5.84 -7.06 -6.88
CA SER B 162 6.33 -6.72 -8.21
C SER B 162 5.59 -5.61 -8.92
N ILE B 163 6.32 -4.93 -9.80
CA ILE B 163 5.81 -3.85 -10.61
C ILE B 163 5.78 -4.39 -12.03
N VAL B 164 4.59 -4.75 -12.52
CA VAL B 164 4.45 -5.29 -13.85
C VAL B 164 4.31 -4.20 -14.91
N THR B 165 5.34 -4.08 -15.74
CA THR B 165 5.39 -3.08 -16.79
C THR B 165 5.38 -3.69 -18.18
N LYS B 166 5.52 -5.00 -18.27
CA LYS B 166 5.54 -5.67 -19.57
C LYS B 166 4.55 -6.83 -19.57
N ASP B 167 4.13 -7.24 -20.75
CA ASP B 167 3.22 -8.36 -20.86
C ASP B 167 3.87 -9.52 -20.14
N ILE B 168 3.05 -10.35 -19.52
CA ILE B 168 3.55 -11.53 -18.82
C ILE B 168 2.93 -12.73 -19.52
N PRO B 169 3.76 -13.69 -19.96
CA PRO B 169 3.27 -14.87 -20.66
C PRO B 169 2.47 -15.77 -19.70
N PRO B 170 1.74 -16.75 -20.25
CA PRO B 170 0.95 -17.63 -19.37
C PRO B 170 1.81 -18.73 -18.74
N ASN B 171 1.27 -19.36 -17.70
CA ASN B 171 1.93 -20.46 -17.01
C ASN B 171 3.30 -20.20 -16.41
N VAL B 172 3.54 -19.00 -15.91
CA VAL B 172 4.84 -18.72 -15.33
C VAL B 172 4.76 -18.10 -13.94
N VAL B 173 5.92 -17.99 -13.31
CA VAL B 173 6.02 -17.37 -12.00
C VAL B 173 6.89 -16.15 -12.26
N ALA B 174 6.31 -14.96 -12.14
CA ALA B 174 7.03 -13.72 -12.39
C ALA B 174 7.14 -12.88 -11.12
N ALA B 175 8.21 -12.10 -11.02
CA ALA B 175 8.42 -11.28 -9.84
C ALA B 175 9.50 -10.24 -10.05
N GLY B 176 9.60 -9.30 -9.12
CA GLY B 176 10.64 -8.29 -9.22
C GLY B 176 10.22 -6.90 -9.61
N VAL B 177 11.19 -6.00 -9.49
CA VAL B 177 11.03 -4.58 -9.83
C VAL B 177 12.16 -4.27 -10.78
N PRO B 178 11.89 -4.26 -12.10
CA PRO B 178 10.59 -4.54 -12.68
C PRO B 178 10.29 -6.04 -12.69
N CYS B 179 9.06 -6.41 -12.99
CA CYS B 179 8.67 -7.81 -13.00
C CYS B 179 9.22 -8.61 -14.18
N ARG B 180 9.82 -9.77 -13.86
CA ARG B 180 10.36 -10.65 -14.89
C ARG B 180 9.91 -12.07 -14.66
N VAL B 181 9.85 -12.86 -15.72
CA VAL B 181 9.49 -14.26 -15.61
C VAL B 181 10.66 -14.95 -14.93
N ILE B 182 10.42 -15.64 -13.82
CA ILE B 182 11.53 -16.31 -13.14
C ILE B 182 11.62 -17.79 -13.49
N ARG B 183 10.49 -18.39 -13.85
CA ARG B 183 10.48 -19.81 -14.20
C ARG B 183 9.10 -20.24 -14.68
N GLU B 184 9.05 -21.41 -15.31
CA GLU B 184 7.80 -21.92 -15.83
C GLU B 184 7.17 -22.86 -14.83
N ILE B 185 5.84 -22.82 -14.73
CA ILE B 185 5.14 -23.69 -13.81
C ILE B 185 5.00 -25.08 -14.47
N ASN B 186 5.62 -26.09 -13.87
CA ASN B 186 5.58 -27.46 -14.40
C ASN B 186 4.88 -28.43 -13.44
N ASP B 187 5.22 -29.72 -13.59
CA ASP B 187 4.63 -30.78 -12.77
C ASP B 187 5.21 -30.90 -11.38
N ARG B 188 6.39 -30.33 -11.15
CA ARG B 188 7.00 -30.37 -9.83
C ARG B 188 6.09 -29.55 -8.91
N ASP B 189 5.41 -28.56 -9.49
CA ASP B 189 4.51 -27.69 -8.73
C ASP B 189 3.17 -28.33 -8.45
N LYS B 190 2.94 -29.48 -9.06
CA LYS B 190 1.70 -30.22 -8.85
C LYS B 190 1.85 -31.02 -7.56
N HIS B 191 3.08 -31.22 -7.11
CA HIS B 191 3.37 -31.96 -5.88
C HIS B 191 3.90 -31.09 -4.73
N TYR B 192 4.78 -30.15 -5.04
CA TYR B 192 5.35 -29.24 -4.03
C TYR B 192 4.61 -27.91 -4.08
N TYR B 193 3.75 -27.67 -3.10
CA TYR B 193 2.97 -26.44 -3.08
C TYR B 193 3.60 -25.28 -2.34
N PHE B 194 4.49 -25.58 -1.39
CA PHE B 194 5.17 -24.52 -0.67
C PHE B 194 6.50 -24.96 -0.13
N LYS B 195 7.55 -24.28 -0.56
CA LYS B 195 8.92 -24.58 -0.15
C LYS B 195 9.18 -26.09 -0.18
N ASP B 196 9.46 -26.68 0.98
CA ASP B 196 9.74 -28.10 1.09
C ASP B 196 8.59 -28.96 1.62
N TYR B 197 7.36 -28.54 1.34
CA TYR B 197 6.18 -29.29 1.78
C TYR B 197 5.55 -29.90 0.54
N LYS B 198 5.35 -31.21 0.54
CA LYS B 198 4.76 -31.89 -0.60
C LYS B 198 3.33 -32.28 -0.29
N VAL B 199 2.47 -32.18 -1.29
CA VAL B 199 1.06 -32.52 -1.11
C VAL B 199 0.89 -34.04 -1.18
N GLU B 200 1.00 -34.70 -0.04
CA GLU B 200 0.87 -36.15 0.07
C GLU B 200 -0.55 -36.56 -0.38
N SER B 201 -0.86 -36.31 -1.65
CA SER B 201 -2.15 -36.58 -2.25
C SER B 201 -2.88 -37.85 -1.85
N SER B 202 -4.23 -37.75 -1.79
CA SER B 202 -5.13 -38.87 -1.43
C SER B 202 -6.15 -38.98 -2.60
N ASN C 2 -11.49 -33.95 3.30
CA ASN C 2 -10.23 -34.52 3.85
C ASN C 2 -10.30 -34.59 5.39
N MET C 3 -9.16 -34.34 6.03
CA MET C 3 -9.03 -34.34 7.50
C MET C 3 -9.74 -33.07 8.04
N PRO C 4 -10.20 -33.06 9.32
CA PRO C 4 -10.85 -31.82 9.78
C PRO C 4 -9.98 -30.65 9.35
N MET C 5 -10.61 -29.65 8.72
CA MET C 5 -9.91 -28.49 8.22
C MET C 5 -8.94 -27.81 9.19
N THR C 6 -9.36 -27.62 10.44
CA THR C 6 -8.50 -26.97 11.43
C THR C 6 -7.26 -27.80 11.69
N GLU C 7 -7.44 -29.12 11.67
CA GLU C 7 -6.35 -30.04 11.89
C GLU C 7 -5.30 -29.88 10.79
N ARG C 8 -5.76 -29.57 9.58
CA ARG C 8 -4.86 -29.37 8.45
C ARG C 8 -4.10 -28.07 8.57
N ILE C 9 -4.76 -27.05 9.11
CA ILE C 9 -4.12 -25.75 9.25
C ILE C 9 -2.91 -25.84 10.17
N ARG C 10 -3.09 -26.50 11.31
CA ARG C 10 -2.03 -26.68 12.29
C ARG C 10 -0.90 -27.53 11.73
N ALA C 11 -1.19 -28.34 10.72
CA ALA C 11 -0.21 -29.23 10.15
C ALA C 11 0.56 -28.69 8.94
N GLY C 12 0.05 -27.63 8.33
CA GLY C 12 0.71 -27.04 7.18
C GLY C 12 0.27 -27.70 5.89
N LYS C 13 -0.92 -28.27 5.94
CA LYS C 13 -1.53 -28.96 4.79
C LYS C 13 -2.51 -28.02 4.09
N LEU C 14 -2.78 -28.28 2.82
CA LEU C 14 -3.72 -27.47 2.07
C LEU C 14 -5.11 -27.63 2.67
N PHE C 15 -5.92 -26.58 2.58
CA PHE C 15 -7.26 -26.58 3.14
C PHE C 15 -8.07 -25.45 2.52
N THR C 16 -9.31 -25.33 2.99
CA THR C 16 -10.20 -24.27 2.56
C THR C 16 -10.84 -23.85 3.88
N ASP C 17 -11.50 -22.70 3.92
CA ASP C 17 -12.09 -22.25 5.18
C ASP C 17 -13.57 -21.86 5.19
N MET C 18 -14.42 -22.68 4.57
CA MET C 18 -15.84 -22.37 4.55
C MET C 18 -16.60 -23.34 5.45
N CYS C 19 -15.95 -23.78 6.52
CA CYS C 19 -16.60 -24.73 7.43
C CYS C 19 -16.06 -24.69 8.86
N GLU C 20 -16.57 -25.62 9.68
CA GLU C 20 -16.16 -25.75 11.08
C GLU C 20 -16.31 -24.45 11.86
N GLY C 21 -17.14 -23.54 11.34
CA GLY C 21 -17.37 -22.29 12.03
C GLY C 21 -16.32 -21.24 11.80
N LEU C 22 -15.46 -21.47 10.81
CA LEU C 22 -14.42 -20.52 10.51
C LEU C 22 -15.07 -19.25 9.94
N PRO C 23 -15.98 -19.40 8.97
CA PRO C 23 -16.63 -18.21 8.40
C PRO C 23 -17.22 -17.27 9.46
N GLU C 24 -17.70 -17.84 10.56
CA GLU C 24 -18.29 -17.01 11.61
C GLU C 24 -17.27 -16.41 12.56
N LYS C 25 -16.08 -17.03 12.63
CA LYS C 25 -15.03 -16.50 13.49
C LYS C 25 -14.48 -15.25 12.80
N ARG C 26 -14.59 -15.25 11.48
CA ARG C 26 -14.14 -14.14 10.64
C ARG C 26 -15.11 -12.99 10.70
N LEU C 27 -16.39 -13.31 10.85
CA LEU C 27 -17.45 -12.31 10.95
C LEU C 27 -17.37 -11.61 12.31
N ARG C 28 -17.15 -12.40 13.36
CA ARG C 28 -17.02 -11.81 14.68
C ARG C 28 -15.84 -10.87 14.59
N GLY C 29 -14.84 -11.26 13.80
CA GLY C 29 -13.64 -10.48 13.65
C GLY C 29 -13.76 -9.17 12.89
N LYS C 30 -14.29 -9.25 11.68
CA LYS C 30 -14.47 -8.06 10.84
C LYS C 30 -15.41 -7.05 11.50
N THR C 31 -16.26 -7.55 12.38
CA THR C 31 -17.19 -6.70 13.10
C THR C 31 -16.42 -5.81 14.06
N LEU C 32 -15.64 -6.42 14.95
CA LEU C 32 -14.85 -5.65 15.90
C LEU C 32 -13.92 -4.69 15.16
N MET C 33 -13.35 -5.20 14.07
CA MET C 33 -12.44 -4.43 13.24
C MET C 33 -13.16 -3.21 12.67
N TYR C 34 -14.34 -3.45 12.09
CA TYR C 34 -15.14 -2.37 11.48
C TYR C 34 -15.40 -1.27 12.50
N GLU C 35 -15.65 -1.68 13.75
CA GLU C 35 -15.89 -0.72 14.82
C GLU C 35 -14.66 0.10 15.13
N PHE C 36 -13.51 -0.56 15.12
CA PHE C 36 -12.26 0.11 15.42
C PHE C 36 -11.88 1.09 14.31
N ASN C 37 -12.05 0.67 13.07
CA ASN C 37 -11.71 1.51 11.94
C ASN C 37 -12.65 2.71 11.76
N HIS C 38 -13.85 2.62 12.31
CA HIS C 38 -14.83 3.70 12.19
C HIS C 38 -14.94 4.58 13.41
N SER C 39 -14.22 4.23 14.47
CA SER C 39 -14.26 4.99 15.71
C SER C 39 -13.66 6.39 15.50
N HIS C 40 -14.10 7.33 16.33
CA HIS C 40 -13.61 8.70 16.26
C HIS C 40 -12.29 8.76 16.97
N PRO C 41 -11.33 9.52 16.42
CA PRO C 41 -10.00 9.66 17.00
C PRO C 41 -10.06 10.09 18.45
N SER C 42 -11.21 10.61 18.84
CA SER C 42 -11.42 11.06 20.21
C SER C 42 -11.89 9.97 21.15
N GLU C 43 -12.35 8.85 20.61
CA GLU C 43 -12.83 7.76 21.46
C GLU C 43 -11.67 6.85 21.88
N VAL C 44 -10.65 7.48 22.48
CA VAL C 44 -9.44 6.81 22.94
C VAL C 44 -9.66 5.59 23.83
N GLU C 45 -10.66 5.66 24.70
CA GLU C 45 -10.98 4.56 25.60
C GLU C 45 -11.65 3.39 24.89
N LYS C 46 -12.57 3.70 23.99
CA LYS C 46 -13.28 2.66 23.24
C LYS C 46 -12.27 1.93 22.35
N ARG C 47 -11.27 2.67 21.88
CA ARG C 47 -10.23 2.12 21.03
C ARG C 47 -9.32 1.20 21.83
N GLU C 48 -8.80 1.72 22.95
CA GLU C 48 -7.92 0.96 23.83
C GLU C 48 -8.52 -0.37 24.21
N SER C 49 -9.80 -0.35 24.56
CA SER C 49 -10.49 -1.57 24.97
C SER C 49 -10.88 -2.46 23.78
N LEU C 50 -10.97 -1.86 22.60
CA LEU C 50 -11.32 -2.61 21.39
C LEU C 50 -10.17 -3.50 20.92
N ILE C 51 -8.95 -3.02 21.06
CA ILE C 51 -7.80 -3.81 20.63
C ILE C 51 -7.59 -5.00 21.54
N LYS C 52 -8.05 -4.88 22.77
CA LYS C 52 -7.92 -5.99 23.72
C LYS C 52 -8.93 -7.06 23.36
N GLU C 53 -9.99 -6.66 22.66
CA GLU C 53 -11.01 -7.59 22.25
C GLU C 53 -10.61 -8.21 20.92
N MET C 54 -10.14 -7.35 20.01
CA MET C 54 -9.73 -7.76 18.68
C MET C 54 -8.69 -8.86 18.59
N PHE C 55 -7.56 -8.66 19.26
CA PHE C 55 -6.48 -9.64 19.21
C PHE C 55 -6.46 -10.65 20.32
N ALA C 56 -5.90 -11.81 20.02
CA ALA C 56 -5.82 -12.89 20.99
C ALA C 56 -5.13 -12.44 22.27
N THR C 57 -3.92 -11.93 22.15
CA THR C 57 -3.16 -11.45 23.31
C THR C 57 -2.53 -10.11 22.95
N VAL C 58 -2.62 -9.16 23.87
CA VAL C 58 -2.04 -7.84 23.64
C VAL C 58 -1.29 -7.40 24.87
N GLY C 59 -0.04 -6.96 24.71
CA GLY C 59 0.72 -6.52 25.86
C GLY C 59 0.34 -5.11 26.23
N GLU C 60 0.77 -4.65 27.39
CA GLU C 60 0.46 -3.29 27.85
C GLU C 60 1.18 -2.23 27.03
N ASN C 61 0.51 -1.10 26.86
CA ASN C 61 1.04 0.02 26.10
C ASN C 61 1.02 -0.18 24.60
N ALA C 62 -0.03 -0.80 24.12
CA ALA C 62 -0.14 -1.06 22.70
C ALA C 62 -0.90 0.07 22.01
N TRP C 63 -0.54 0.31 20.75
CA TRP C 63 -1.18 1.33 19.97
C TRP C 63 -1.32 0.89 18.53
N VAL C 64 -2.49 1.15 17.96
CA VAL C 64 -2.67 0.78 16.58
C VAL C 64 -3.42 1.93 15.94
N GLU C 65 -2.76 2.63 15.03
CA GLU C 65 -3.35 3.74 14.34
C GLU C 65 -4.30 3.14 13.28
N PRO C 66 -5.60 3.49 13.35
CA PRO C 66 -6.57 2.96 12.37
C PRO C 66 -6.26 3.55 10.99
N PRO C 67 -6.60 2.82 9.91
CA PRO C 67 -7.24 1.51 9.93
C PRO C 67 -6.31 0.30 10.00
N VAL C 68 -6.85 -0.78 10.56
CA VAL C 68 -6.15 -2.06 10.68
C VAL C 68 -7.00 -3.08 9.94
N TYR C 69 -6.35 -4.06 9.33
CA TYR C 69 -7.10 -5.07 8.59
C TYR C 69 -6.57 -6.46 8.93
N PHE C 70 -7.47 -7.44 9.09
CA PHE C 70 -7.09 -8.82 9.39
C PHE C 70 -8.20 -9.82 9.02
N SER C 71 -7.87 -11.11 8.95
CA SER C 71 -8.87 -12.13 8.61
C SER C 71 -9.74 -12.49 9.82
N TYR C 72 -9.08 -12.87 10.92
CA TYR C 72 -9.73 -13.21 12.19
C TYR C 72 -8.87 -12.38 13.11
N GLY C 73 -9.42 -11.84 14.19
CA GLY C 73 -8.54 -11.08 15.06
C GLY C 73 -7.78 -12.07 15.94
N SER C 74 -8.54 -12.98 16.52
CA SER C 74 -8.06 -14.01 17.42
C SER C 74 -6.73 -14.74 17.21
N ASN C 75 -6.15 -14.67 16.02
CA ASN C 75 -4.89 -15.40 15.81
C ASN C 75 -3.62 -14.58 15.97
N ILE C 76 -3.78 -13.32 16.34
CA ILE C 76 -2.63 -12.45 16.51
C ILE C 76 -2.30 -12.19 17.96
N HIS C 77 -1.04 -12.43 18.33
CA HIS C 77 -0.55 -12.23 19.69
C HIS C 77 0.50 -11.12 19.60
N ILE C 78 0.42 -10.16 20.52
CA ILE C 78 1.34 -9.03 20.53
C ILE C 78 1.91 -8.75 21.92
N GLY C 79 3.19 -8.37 21.96
CA GLY C 79 3.83 -8.07 23.22
C GLY C 79 3.60 -6.69 23.80
N ARG C 80 4.62 -6.19 24.50
CA ARG C 80 4.58 -4.89 25.15
C ARG C 80 4.92 -3.77 24.18
N ASN C 81 4.54 -2.56 24.57
CA ASN C 81 4.82 -1.35 23.79
C ASN C 81 4.77 -1.54 22.28
N PHE C 82 3.65 -2.02 21.78
CA PHE C 82 3.51 -2.23 20.35
C PHE C 82 3.05 -0.95 19.67
N TYR C 83 3.60 -0.67 18.49
CA TYR C 83 3.21 0.51 17.73
C TYR C 83 3.13 0.24 16.24
N ALA C 84 1.91 0.35 15.70
CA ALA C 84 1.66 0.13 14.29
C ALA C 84 1.00 1.35 13.70
N ASN C 85 1.56 1.85 12.61
CA ASN C 85 1.01 3.01 11.97
C ASN C 85 -0.19 2.65 11.10
N PHE C 86 -0.52 3.55 10.18
CA PHE C 86 -1.64 3.39 9.29
C PHE C 86 -1.63 2.13 8.47
N ASN C 87 -2.83 1.66 8.18
CA ASN C 87 -3.04 0.49 7.34
C ASN C 87 -2.15 -0.71 7.54
N LEU C 88 -2.17 -1.29 8.73
CA LEU C 88 -1.38 -2.48 8.97
C LEU C 88 -2.33 -3.56 8.50
N THR C 89 -1.81 -4.59 7.85
CA THR C 89 -2.67 -5.67 7.39
C THR C 89 -2.08 -7.00 7.83
N ILE C 90 -2.83 -7.79 8.60
CA ILE C 90 -2.34 -9.10 9.01
C ILE C 90 -3.31 -10.17 8.55
N VAL C 91 -2.91 -10.97 7.57
CA VAL C 91 -3.74 -12.05 7.10
C VAL C 91 -3.36 -13.24 7.98
N ASP C 92 -4.05 -13.35 9.11
CA ASP C 92 -3.80 -14.38 10.10
C ASP C 92 -4.77 -15.54 10.08
N ASP C 93 -4.71 -16.34 9.03
CA ASP C 93 -5.57 -17.50 8.98
C ASP C 93 -5.05 -18.47 10.01
N TYR C 94 -3.85 -18.18 10.49
CA TYR C 94 -3.19 -18.95 11.53
C TYR C 94 -2.38 -17.98 12.38
N THR C 95 -1.62 -18.50 13.33
CA THR C 95 -0.85 -17.68 14.27
C THR C 95 0.17 -16.67 13.76
N VAL C 96 0.17 -15.52 14.40
CA VAL C 96 1.09 -14.46 14.09
C VAL C 96 1.50 -13.98 15.46
N THR C 97 2.80 -14.05 15.71
CA THR C 97 3.32 -13.64 17.00
C THR C 97 4.33 -12.55 16.82
N ILE C 98 4.12 -11.47 17.55
CA ILE C 98 4.97 -10.30 17.51
C ILE C 98 5.51 -10.10 18.92
N GLY C 99 6.82 -9.88 19.01
CA GLY C 99 7.45 -9.70 20.30
C GLY C 99 7.25 -8.34 20.93
N ASP C 100 8.16 -7.99 21.84
CA ASP C 100 8.14 -6.73 22.58
C ASP C 100 8.86 -5.57 21.87
N ASN C 101 8.34 -4.36 22.09
CA ASN C 101 8.91 -3.14 21.52
C ASN C 101 9.03 -3.14 20.00
N VAL C 102 8.09 -3.80 19.34
CA VAL C 102 8.09 -3.86 17.89
C VAL C 102 7.43 -2.60 17.34
N LEU C 103 8.06 -2.00 16.32
CA LEU C 103 7.58 -0.77 15.68
C LEU C 103 7.27 -1.00 14.20
N ILE C 104 6.06 -0.67 13.77
CA ILE C 104 5.69 -0.89 12.38
C ILE C 104 5.29 0.35 11.61
N ALA C 105 5.93 0.55 10.47
CA ALA C 105 5.66 1.70 9.62
C ALA C 105 4.31 1.58 8.93
N PRO C 106 3.86 2.67 8.27
CA PRO C 106 2.57 2.62 7.58
C PRO C 106 2.59 1.66 6.41
N ASN C 107 1.42 1.10 6.09
CA ASN C 107 1.26 0.21 4.95
C ASN C 107 2.17 -1.00 4.95
N VAL C 108 2.05 -1.82 5.99
CA VAL C 108 2.84 -3.03 6.09
C VAL C 108 1.85 -4.19 5.94
N THR C 109 2.27 -5.24 5.26
CA THR C 109 1.40 -6.39 5.05
C THR C 109 2.05 -7.69 5.51
N LEU C 110 1.41 -8.36 6.47
CA LEU C 110 1.88 -9.63 6.98
C LEU C 110 0.88 -10.69 6.54
N SER C 111 1.37 -11.78 5.99
CA SER C 111 0.48 -12.86 5.57
C SER C 111 1.07 -14.22 5.88
N VAL C 112 0.35 -15.03 6.64
CA VAL C 112 0.79 -16.38 6.99
C VAL C 112 0.27 -17.31 5.91
N THR C 113 -0.72 -16.83 5.16
CA THR C 113 -1.35 -17.58 4.10
C THR C 113 -0.79 -17.32 2.70
N GLY C 114 -0.79 -18.38 1.90
CA GLY C 114 -0.32 -18.32 0.52
C GLY C 114 -1.15 -19.32 -0.26
N HIS C 115 -0.99 -19.33 -1.58
CA HIS C 115 -1.75 -20.28 -2.38
C HIS C 115 -0.82 -21.12 -3.22
N PRO C 116 -1.24 -22.35 -3.56
CA PRO C 116 -0.39 -23.21 -4.38
C PRO C 116 -0.10 -22.48 -5.68
N VAL C 117 1.11 -22.63 -6.18
CA VAL C 117 1.51 -22.00 -7.40
C VAL C 117 0.77 -22.62 -8.59
N HIS C 118 0.64 -23.95 -8.61
CA HIS C 118 -0.05 -24.62 -9.70
C HIS C 118 -1.56 -24.37 -9.65
N HIS C 119 -2.10 -23.75 -10.69
CA HIS C 119 -3.52 -23.43 -10.71
C HIS C 119 -4.43 -24.61 -10.43
N GLU C 120 -3.94 -25.82 -10.69
CA GLU C 120 -4.75 -27.00 -10.47
C GLU C 120 -4.93 -27.34 -8.99
N LEU C 121 -4.05 -26.81 -8.16
CA LEU C 121 -4.10 -27.08 -6.73
C LEU C 121 -4.95 -26.07 -5.96
N ARG C 122 -5.49 -25.08 -6.65
CA ARG C 122 -6.29 -24.05 -6.01
C ARG C 122 -7.63 -23.75 -6.70
N LYS C 123 -8.18 -24.74 -7.38
CA LYS C 123 -9.46 -24.59 -8.06
C LYS C 123 -10.52 -24.05 -7.09
N ASN C 124 -10.47 -24.56 -5.86
CA ASN C 124 -11.43 -24.16 -4.84
C ASN C 124 -10.86 -23.26 -3.76
N GLY C 125 -9.86 -22.47 -4.13
CA GLY C 125 -9.27 -21.55 -3.17
C GLY C 125 -8.47 -22.25 -2.10
N GLU C 126 -7.74 -23.29 -2.50
CA GLU C 126 -6.90 -24.03 -1.58
C GLU C 126 -5.85 -23.06 -1.06
N MET C 127 -5.56 -23.13 0.23
CA MET C 127 -4.58 -22.24 0.81
C MET C 127 -3.77 -22.96 1.87
N TYR C 128 -2.65 -22.35 2.26
CA TYR C 128 -1.80 -22.90 3.28
C TYR C 128 -1.42 -21.79 4.25
N SER C 129 -1.17 -22.16 5.50
CA SER C 129 -0.81 -21.18 6.51
C SER C 129 0.38 -21.61 7.37
N PHE C 130 1.32 -20.68 7.54
CA PHE C 130 2.51 -20.95 8.34
C PHE C 130 2.78 -19.75 9.24
N PRO C 131 2.76 -19.96 10.55
CA PRO C 131 2.99 -18.89 11.51
C PRO C 131 4.14 -17.97 11.14
N ILE C 132 4.02 -16.72 11.60
CA ILE C 132 5.04 -15.70 11.38
C ILE C 132 5.47 -15.19 12.76
N THR C 133 6.77 -15.31 13.04
CA THR C 133 7.31 -14.87 14.31
C THR C 133 8.20 -13.64 14.14
N ILE C 134 7.84 -12.57 14.82
CA ILE C 134 8.58 -11.33 14.74
C ILE C 134 9.23 -11.04 16.09
N GLY C 135 10.56 -11.12 16.11
CA GLY C 135 11.33 -10.92 17.32
C GLY C 135 11.10 -9.64 18.09
N ASN C 136 11.86 -9.48 19.16
CA ASN C 136 11.77 -8.31 20.03
C ASN C 136 12.56 -7.12 19.48
N ASN C 137 12.08 -5.92 19.79
CA ASN C 137 12.74 -4.68 19.35
C ASN C 137 13.05 -4.63 17.85
N VAL C 138 12.09 -5.06 17.04
CA VAL C 138 12.25 -5.06 15.59
C VAL C 138 11.57 -3.83 15.02
N TRP C 139 12.09 -3.33 13.91
CA TRP C 139 11.52 -2.16 13.26
C TRP C 139 11.27 -2.50 11.80
N ILE C 140 10.00 -2.49 11.41
CA ILE C 140 9.63 -2.79 10.04
C ILE C 140 9.30 -1.50 9.26
N GLY C 141 9.95 -1.32 8.12
CA GLY C 141 9.75 -0.12 7.33
C GLY C 141 8.44 -0.09 6.57
N SER C 142 8.21 1.02 5.87
CA SER C 142 7.01 1.26 5.07
C SER C 142 6.89 0.38 3.83
N HIS C 143 5.67 -0.08 3.58
CA HIS C 143 5.39 -0.92 2.41
C HIS C 143 6.15 -2.23 2.43
N VAL C 144 6.28 -2.85 3.59
CA VAL C 144 6.97 -4.12 3.68
C VAL C 144 5.94 -5.23 3.61
N VAL C 145 6.34 -6.38 3.07
CA VAL C 145 5.46 -7.54 3.00
C VAL C 145 6.20 -8.77 3.56
N ILE C 146 5.68 -9.32 4.64
CA ILE C 146 6.28 -10.49 5.26
C ILE C 146 5.47 -11.72 4.86
N ASN C 147 6.12 -12.64 4.14
CA ASN C 147 5.45 -13.84 3.66
C ASN C 147 5.27 -14.95 4.68
N PRO C 148 4.56 -16.02 4.30
CA PRO C 148 4.34 -17.12 5.25
C PRO C 148 5.57 -17.82 5.80
N GLY C 149 5.44 -18.27 7.05
CA GLY C 149 6.50 -19.00 7.73
C GLY C 149 7.80 -18.25 7.92
N VAL C 150 7.73 -16.93 7.93
CA VAL C 150 8.93 -16.13 8.09
C VAL C 150 9.17 -15.74 9.54
N THR C 151 10.44 -15.77 9.95
CA THR C 151 10.82 -15.39 11.30
C THR C 151 11.78 -14.21 11.21
N ILE C 152 11.48 -13.15 11.94
CA ILE C 152 12.37 -12.00 11.95
C ILE C 152 13.09 -12.05 13.31
N GLY C 153 14.42 -12.08 13.27
CA GLY C 153 15.20 -12.15 14.49
C GLY C 153 15.17 -10.91 15.34
N ASP C 154 15.48 -11.07 16.62
CA ASP C 154 15.48 -9.98 17.58
C ASP C 154 16.36 -8.83 17.13
N ASN C 155 15.98 -7.62 17.53
CA ASN C 155 16.71 -6.39 17.22
C ASN C 155 17.02 -6.09 15.76
N SER C 156 16.33 -6.74 14.83
CA SER C 156 16.56 -6.50 13.41
C SER C 156 15.75 -5.33 12.84
N VAL C 157 16.18 -4.83 11.70
CA VAL C 157 15.49 -3.75 11.02
C VAL C 157 15.22 -4.19 9.59
N ILE C 158 14.02 -3.87 9.11
CA ILE C 158 13.60 -4.23 7.76
C ILE C 158 13.38 -2.95 6.95
N GLY C 159 14.30 -2.68 6.04
CA GLY C 159 14.19 -1.50 5.19
C GLY C 159 12.80 -1.38 4.60
N ALA C 160 12.45 -0.17 4.16
CA ALA C 160 11.14 0.05 3.58
C ALA C 160 11.02 -0.61 2.22
N GLY C 161 9.82 -1.06 1.90
CA GLY C 161 9.55 -1.68 0.62
C GLY C 161 10.14 -3.06 0.34
N SER C 162 10.64 -3.75 1.35
CA SER C 162 11.21 -5.06 1.08
C SER C 162 10.15 -6.14 1.14
N ILE C 163 10.42 -7.24 0.44
CA ILE C 163 9.55 -8.41 0.38
C ILE C 163 10.28 -9.56 1.04
N VAL C 164 9.98 -9.80 2.31
CA VAL C 164 10.60 -10.85 3.08
C VAL C 164 10.02 -12.21 2.75
N THR C 165 10.86 -13.10 2.24
CA THR C 165 10.45 -14.44 1.88
C THR C 165 11.24 -15.50 2.60
N LYS C 166 12.29 -15.09 3.29
CA LYS C 166 13.14 -16.03 4.02
C LYS C 166 13.41 -15.45 5.39
N ASP C 167 13.67 -16.30 6.36
CA ASP C 167 13.95 -15.84 7.73
C ASP C 167 15.03 -14.79 7.78
N ILE C 168 14.92 -13.86 8.71
CA ILE C 168 15.92 -12.83 8.85
C ILE C 168 16.63 -13.04 10.20
N PRO C 169 17.97 -13.16 10.18
CA PRO C 169 18.68 -13.36 11.45
C PRO C 169 18.54 -12.14 12.36
N PRO C 170 18.80 -12.30 13.65
CA PRO C 170 18.69 -11.16 14.55
C PRO C 170 19.87 -10.19 14.38
N ASN C 171 19.73 -8.98 14.91
CA ASN C 171 20.77 -7.98 14.84
C ASN C 171 21.22 -7.58 13.45
N VAL C 172 20.32 -7.58 12.47
CA VAL C 172 20.72 -7.18 11.14
C VAL C 172 19.79 -6.12 10.57
N VAL C 173 20.24 -5.52 9.48
CA VAL C 173 19.51 -4.53 8.74
C VAL C 173 19.36 -5.30 7.45
N ALA C 174 18.12 -5.55 7.05
CA ALA C 174 17.85 -6.28 5.82
C ALA C 174 16.94 -5.40 4.96
N ALA C 175 16.99 -5.60 3.65
CA ALA C 175 16.15 -4.84 2.74
C ALA C 175 16.24 -5.41 1.35
N GLY C 176 15.35 -4.95 0.46
CA GLY C 176 15.39 -5.43 -0.91
C GLY C 176 14.20 -6.23 -1.38
N VAL C 177 14.20 -6.54 -2.67
CA VAL C 177 13.14 -7.33 -3.28
C VAL C 177 13.83 -8.39 -4.13
N PRO C 178 14.00 -9.61 -3.58
CA PRO C 178 13.55 -9.97 -2.24
C PRO C 178 14.51 -9.46 -1.17
N CYS C 179 14.12 -9.59 0.09
CA CYS C 179 14.96 -9.12 1.19
C CYS C 179 16.26 -9.87 1.36
N ARG C 180 17.27 -9.15 1.82
CA ARG C 180 18.57 -9.75 2.08
C ARG C 180 19.29 -8.98 3.15
N VAL C 181 20.05 -9.70 3.96
CA VAL C 181 20.83 -9.09 5.00
C VAL C 181 21.82 -8.20 4.28
N ILE C 182 21.82 -6.90 4.60
CA ILE C 182 22.78 -6.02 3.96
C ILE C 182 23.98 -5.91 4.88
N ARG C 183 23.71 -5.88 6.18
CA ARG C 183 24.79 -5.77 7.18
C ARG C 183 24.34 -6.09 8.59
N GLU C 184 25.30 -6.19 9.50
CA GLU C 184 25.00 -6.50 10.88
C GLU C 184 25.04 -5.19 11.68
N ILE C 185 24.17 -5.06 12.68
CA ILE C 185 24.11 -3.84 13.48
C ILE C 185 25.17 -3.82 14.59
N ASN C 186 26.16 -2.95 14.46
CA ASN C 186 27.23 -2.88 15.47
C ASN C 186 27.23 -1.60 16.30
N ASP C 187 28.38 -1.30 16.90
CA ASP C 187 28.51 -0.13 17.77
C ASP C 187 28.58 1.19 17.03
N ARG C 188 28.79 1.14 15.72
CA ARG C 188 28.83 2.36 14.93
C ARG C 188 27.42 2.95 14.94
N ASP C 189 26.45 2.05 14.98
CA ASP C 189 25.04 2.42 14.98
C ASP C 189 24.63 2.94 16.35
N LYS C 190 25.54 2.80 17.30
CA LYS C 190 25.27 3.28 18.63
C LYS C 190 25.62 4.76 18.67
N HIS C 191 26.26 5.23 17.60
CA HIS C 191 26.66 6.62 17.50
C HIS C 191 26.01 7.38 16.34
N TYR C 192 25.96 6.74 15.18
CA TYR C 192 25.36 7.37 14.01
C TYR C 192 23.98 6.83 13.84
N TYR C 193 22.97 7.67 14.08
CA TYR C 193 21.57 7.23 13.96
C TYR C 193 20.95 7.40 12.57
N PHE C 194 21.46 8.34 11.79
CA PHE C 194 20.91 8.54 10.45
C PHE C 194 21.91 9.20 9.52
N LYS C 195 22.38 8.44 8.54
CA LYS C 195 23.34 8.95 7.57
C LYS C 195 24.57 9.50 8.27
N ASP C 196 24.75 10.82 8.22
CA ASP C 196 25.92 11.47 8.83
C ASP C 196 25.61 12.23 10.10
N TYR C 197 24.49 11.91 10.75
CA TYR C 197 24.15 12.61 11.99
C TYR C 197 24.50 11.72 13.17
N LYS C 198 25.44 12.16 14.00
CA LYS C 198 25.86 11.40 15.15
C LYS C 198 25.20 11.94 16.41
N VAL C 199 24.79 11.05 17.31
CA VAL C 199 24.15 11.47 18.55
C VAL C 199 25.24 11.95 19.48
N GLU C 200 25.41 13.27 19.54
CA GLU C 200 26.40 13.91 20.42
C GLU C 200 25.94 13.69 21.86
N SER C 201 26.03 12.43 22.31
CA SER C 201 25.59 11.99 23.65
C SER C 201 25.85 12.93 24.85
N SER C 202 24.79 13.21 25.58
CA SER C 202 24.82 14.06 26.74
C SER C 202 24.90 13.26 28.08
#